data_5G42
#
_entry.id   5G42
#
_cell.length_a   62.060
_cell.length_b   62.060
_cell.length_c   159.120
_cell.angle_alpha   90.00
_cell.angle_beta   90.00
_cell.angle_gamma   90.00
#
_symmetry.space_group_name_H-M   'P 41 21 2'
#
loop_
_entity.id
_entity.type
_entity.pdbx_description
1 polymer 'NUCLEAR RECEPTOR ROR-GAMMA'
2 polymer RORG
3 non-polymer 5-chloranyl-2,3-dihydroindole-1-carboxamide
4 non-polymer 'SODIUM ION'
5 water water
#
loop_
_entity_poly.entity_id
_entity_poly.type
_entity_poly.pdbx_seq_one_letter_code
_entity_poly.pdbx_strand_id
1 'polypeptide(L)'
;HNHNHNHNHNHNGGENLYFQGASLTEIEHLVQSVCKSYRETCQLRLEDLLRQRSNIFSREEVTGYQRKSMWEMWERCAHH
LTEAIQYVVEFAKRLSGFMELCQNDQIVLLKAGAMEVVLVRMCRAYNADNRTVFFEGKYGGMELFRALGCSELISSIFDF
SHSLSALHFSEDEIALYTALVLINAHRPGLQEKRKVEQLQYNLELAFHHHLCKTHRQSILAKLPPKGKLRSLCSQHVERL
QIFQHLHPIVVQAAFPPLYKELFSGG
;
A
2 'polypeptide(L)' KILHRLLQDS C
#
loop_
_chem_comp.id
_chem_comp.type
_chem_comp.name
_chem_comp.formula
4TU non-polymer 5-chloranyl-2,3-dihydroindole-1-carboxamide 'C9 H9 Cl N2 O'
NA non-polymer 'SODIUM ION' 'Na 1'
#
# COMPACT_ATOMS: atom_id res chain seq x y z
N GLU A 15 -26.26 -0.84 9.42
CA GLU A 15 -25.68 -0.85 8.09
C GLU A 15 -24.69 -2.01 7.93
N ASN A 16 -23.97 -2.34 9.00
CA ASN A 16 -23.03 -3.46 9.02
C ASN A 16 -22.84 -3.89 10.46
N LEU A 17 -22.74 -5.21 10.66
CA LEU A 17 -22.54 -5.86 11.97
C LEU A 17 -21.34 -5.22 12.67
N TYR A 18 -20.28 -4.97 11.89
CA TYR A 18 -19.01 -4.46 12.42
C TYR A 18 -19.01 -2.98 12.80
N PHE A 19 -20.17 -2.30 12.64
CA PHE A 19 -20.30 -0.92 13.11
C PHE A 19 -20.74 -0.89 14.58
N GLN A 20 -20.98 -2.07 15.17
CA GLN A 20 -21.33 -2.21 16.59
C GLN A 20 -20.43 -3.27 17.23
N GLY A 21 -20.60 -3.52 18.53
CA GLY A 21 -19.79 -4.52 19.25
C GLY A 21 -19.97 -5.92 18.70
N ALA A 22 -18.86 -6.59 18.34
CA ALA A 22 -18.90 -7.93 17.77
C ALA A 22 -18.43 -8.98 18.77
N SER A 23 -19.09 -10.15 18.75
CA SER A 23 -18.77 -11.29 19.60
C SER A 23 -17.50 -11.98 19.15
N LEU A 24 -16.98 -12.89 19.97
CA LEU A 24 -15.81 -13.67 19.56
C LEU A 24 -16.04 -14.39 18.23
N THR A 25 -17.19 -15.10 18.07
CA THR A 25 -17.43 -15.83 16.82
C THR A 25 -17.50 -14.87 15.60
N GLU A 26 -18.04 -13.65 15.80
CA GLU A 26 -18.09 -12.62 14.73
C GLU A 26 -16.69 -12.11 14.40
N ILE A 27 -15.82 -12.01 15.44
CA ILE A 27 -14.42 -11.60 15.21
C ILE A 27 -13.70 -12.69 14.43
N GLU A 28 -13.96 -13.96 14.76
CA GLU A 28 -13.35 -15.07 14.02
C GLU A 28 -13.73 -15.02 12.54
N HIS A 29 -15.01 -14.73 12.25
CA HIS A 29 -15.53 -14.59 10.87
C HIS A 29 -14.83 -13.41 10.17
N LEU A 30 -14.57 -12.34 10.92
CA LEU A 30 -13.92 -11.14 10.39
C LEU A 30 -12.49 -11.46 9.95
N VAL A 31 -11.75 -12.25 10.74
CA VAL A 31 -10.41 -12.69 10.35
C VAL A 31 -10.47 -13.40 8.99
N GLN A 32 -11.39 -14.37 8.86
CA GLN A 32 -11.53 -15.11 7.61
C GLN A 32 -11.88 -14.19 6.42
N SER A 33 -12.83 -13.26 6.62
CA SER A 33 -13.32 -12.33 5.56
C SER A 33 -12.16 -11.43 5.06
N VAL A 34 -11.41 -10.85 6.01
CA VAL A 34 -10.27 -9.98 5.68
C VAL A 34 -9.20 -10.74 4.92
N CYS A 35 -8.86 -11.95 5.40
CA CYS A 35 -7.84 -12.73 4.73
C CYS A 35 -8.26 -13.12 3.31
N LYS A 36 -9.56 -13.36 3.14
CA LYS A 36 -10.12 -13.74 1.83
C LYS A 36 -10.06 -12.52 0.90
N SER A 37 -10.46 -11.34 1.39
CA SER A 37 -10.43 -10.09 0.64
C SER A 37 -9.03 -9.80 0.16
N TYR A 38 -8.03 -9.97 1.03
CA TYR A 38 -6.63 -9.75 0.65
C TYR A 38 -6.17 -10.77 -0.41
N ARG A 39 -6.39 -12.07 -0.16
CA ARG A 39 -5.97 -13.14 -1.11
C ARG A 39 -6.51 -12.88 -2.53
N GLU A 40 -7.76 -12.41 -2.66
CA GLU A 40 -8.41 -12.12 -3.95
C GLU A 40 -7.94 -10.82 -4.60
N THR A 41 -7.22 -9.94 -3.85
CA THR A 41 -6.84 -8.63 -4.42
C THR A 41 -5.35 -8.40 -4.42
N CYS A 42 -4.57 -9.47 -4.42
CA CYS A 42 -3.13 -9.33 -4.59
C CYS A 42 -2.85 -9.03 -6.04
N GLN A 43 -1.94 -8.11 -6.29
CA GLN A 43 -1.50 -7.82 -7.64
C GLN A 43 -0.50 -8.91 -7.99
N LEU A 44 0.40 -9.23 -7.05
CA LEU A 44 1.48 -10.20 -7.20
C LEU A 44 1.32 -11.36 -6.23
N ARG A 45 1.40 -12.58 -6.76
CA ARG A 45 1.33 -13.78 -5.94
C ARG A 45 2.67 -13.99 -5.21
N LEU A 46 2.61 -14.32 -3.91
CA LEU A 46 3.80 -14.57 -3.11
C LEU A 46 4.66 -15.70 -3.73
N GLU A 47 4.03 -16.80 -4.18
CA GLU A 47 4.76 -17.93 -4.79
C GLU A 47 5.59 -17.45 -5.99
N ASP A 48 5.01 -16.55 -6.83
CA ASP A 48 5.69 -15.96 -7.99
C ASP A 48 6.87 -15.08 -7.55
N LEU A 49 6.65 -14.19 -6.55
CA LEU A 49 7.73 -13.33 -6.06
C LEU A 49 8.91 -14.11 -5.55
N LEU A 50 8.65 -15.19 -4.78
CA LEU A 50 9.74 -15.98 -4.19
C LEU A 50 10.53 -16.75 -5.28
N ARG A 51 9.81 -17.29 -6.24
CA ARG A 51 10.38 -18.05 -7.35
C ARG A 51 11.29 -17.17 -8.23
N GLN A 52 10.92 -15.89 -8.39
CA GLN A 52 11.64 -14.95 -9.25
C GLN A 52 12.88 -14.34 -8.62
N ARG A 53 13.17 -14.63 -7.35
CA ARG A 53 14.33 -14.05 -6.63
C ARG A 53 15.66 -14.25 -7.32
N SER A 54 15.84 -15.40 -8.03
CA SER A 54 17.08 -15.69 -8.76
C SER A 54 17.17 -14.86 -10.07
N ASN A 55 16.05 -14.27 -10.51
CA ASN A 55 15.97 -13.49 -11.74
C ASN A 55 16.29 -12.01 -11.41
N ILE A 56 17.58 -11.63 -11.56
CA ILE A 56 18.11 -10.31 -11.18
C ILE A 56 18.58 -9.54 -12.40
N PHE A 57 18.29 -8.21 -12.44
CA PHE A 57 18.77 -7.38 -13.56
C PHE A 57 20.30 -7.43 -13.64
N SER A 58 20.84 -7.56 -14.85
CA SER A 58 22.30 -7.55 -15.07
C SER A 58 22.83 -6.11 -14.89
N ARG A 59 24.16 -5.94 -14.78
CA ARG A 59 24.82 -4.62 -14.74
C ARG A 59 24.37 -3.77 -15.95
N GLU A 60 24.29 -4.36 -17.17
CA GLU A 60 23.85 -3.69 -18.41
C GLU A 60 22.42 -3.16 -18.28
N GLU A 61 21.50 -4.00 -17.75
CA GLU A 61 20.10 -3.62 -17.56
C GLU A 61 19.98 -2.50 -16.54
N VAL A 62 20.73 -2.56 -15.43
CA VAL A 62 20.74 -1.52 -14.40
C VAL A 62 21.17 -0.19 -15.02
N THR A 63 22.29 -0.23 -15.78
CA THR A 63 22.81 0.94 -16.48
C THR A 63 21.75 1.54 -17.43
N GLY A 64 21.02 0.67 -18.14
CA GLY A 64 19.95 1.08 -19.04
C GLY A 64 18.87 1.90 -18.31
N TYR A 65 18.46 1.42 -17.11
CA TYR A 65 17.46 2.14 -16.32
C TYR A 65 18.03 3.49 -15.85
N GLN A 66 19.32 3.51 -15.48
CA GLN A 66 19.97 4.73 -14.98
C GLN A 66 20.12 5.78 -16.08
N ARG A 67 20.19 5.34 -17.35
CA ARG A 67 20.33 6.23 -18.51
C ARG A 67 19.00 6.79 -19.01
N LYS A 68 17.89 6.26 -18.51
CA LYS A 68 16.57 6.77 -18.88
C LYS A 68 16.44 8.22 -18.40
N SER A 69 15.68 9.02 -19.12
CA SER A 69 15.50 10.39 -18.65
C SER A 69 14.72 10.40 -17.31
N MET A 70 14.89 11.48 -16.53
CA MET A 70 14.17 11.61 -15.26
C MET A 70 12.66 11.52 -15.49
N TRP A 71 12.17 12.19 -16.56
CA TRP A 71 10.73 12.17 -16.82
C TRP A 71 10.23 10.79 -17.25
N GLU A 72 10.99 10.06 -18.10
CA GLU A 72 10.59 8.71 -18.55
C GLU A 72 10.50 7.75 -17.31
N MET A 73 11.48 7.88 -16.39
CA MET A 73 11.49 7.05 -15.20
C MET A 73 10.32 7.37 -14.25
N TRP A 74 10.02 8.67 -14.03
CA TRP A 74 8.88 9.10 -13.21
C TRP A 74 7.57 8.56 -13.81
N GLU A 75 7.41 8.67 -15.14
CA GLU A 75 6.21 8.16 -15.84
C GLU A 75 5.97 6.66 -15.56
N ARG A 76 7.01 5.84 -15.78
CA ARG A 76 6.98 4.39 -15.59
C ARG A 76 6.61 4.09 -14.16
N CYS A 77 7.30 4.72 -13.20
CA CYS A 77 7.05 4.47 -11.78
C CYS A 77 5.66 4.91 -11.35
N ALA A 78 5.15 6.04 -11.87
CA ALA A 78 3.78 6.47 -11.55
C ALA A 78 2.75 5.45 -12.07
N HIS A 79 2.98 4.90 -13.28
CA HIS A 79 2.12 3.87 -13.88
C HIS A 79 2.15 2.62 -12.96
N HIS A 80 3.35 2.15 -12.56
CA HIS A 80 3.43 0.96 -11.68
C HIS A 80 2.75 1.19 -10.34
N LEU A 81 2.93 2.40 -9.76
CA LEU A 81 2.26 2.70 -8.49
CA LEU A 81 2.28 2.73 -8.49
C LEU A 81 0.75 2.71 -8.67
N THR A 82 0.26 3.30 -9.77
CA THR A 82 -1.19 3.36 -10.06
C THR A 82 -1.77 1.97 -10.18
N GLU A 83 -1.04 1.05 -10.87
CA GLU A 83 -1.49 -0.36 -11.01
C GLU A 83 -1.64 -0.97 -9.62
N ALA A 84 -0.62 -0.81 -8.72
CA ALA A 84 -0.73 -1.31 -7.35
C ALA A 84 -1.92 -0.73 -6.56
N ILE A 85 -2.14 0.58 -6.68
CA ILE A 85 -3.23 1.29 -6.01
C ILE A 85 -4.57 0.75 -6.46
N GLN A 86 -4.73 0.43 -7.76
CA GLN A 86 -6.01 -0.14 -8.22
C GLN A 86 -6.35 -1.43 -7.46
N TYR A 87 -5.36 -2.28 -7.15
CA TYR A 87 -5.62 -3.52 -6.39
C TYR A 87 -6.02 -3.18 -4.93
N VAL A 88 -5.43 -2.11 -4.36
CA VAL A 88 -5.79 -1.66 -3.01
C VAL A 88 -7.23 -1.13 -2.98
N VAL A 89 -7.64 -0.41 -4.01
CA VAL A 89 -9.02 0.05 -4.09
C VAL A 89 -9.97 -1.19 -4.06
N GLU A 90 -9.65 -2.24 -4.86
CA GLU A 90 -10.48 -3.45 -4.87
C GLU A 90 -10.49 -4.15 -3.47
N PHE A 91 -9.34 -4.22 -2.79
CA PHE A 91 -9.20 -4.74 -1.42
C PHE A 91 -10.18 -3.97 -0.50
N ALA A 92 -10.16 -2.63 -0.59
CA ALA A 92 -11.04 -1.78 0.23
C ALA A 92 -12.49 -2.14 -0.01
N LYS A 93 -12.90 -2.21 -1.28
CA LYS A 93 -14.28 -2.49 -1.68
C LYS A 93 -14.78 -3.83 -1.12
N ARG A 94 -13.88 -4.79 -0.95
CA ARG A 94 -14.21 -6.13 -0.43
C ARG A 94 -14.16 -6.22 1.10
N LEU A 95 -13.59 -5.20 1.74
CA LEU A 95 -13.39 -5.19 3.18
C LEU A 95 -14.70 -4.99 3.89
N SER A 96 -15.04 -5.91 4.84
CA SER A 96 -16.29 -5.83 5.61
C SER A 96 -16.49 -4.42 6.14
N GLY A 97 -17.66 -3.86 5.87
CA GLY A 97 -18.05 -2.52 6.34
C GLY A 97 -17.65 -1.35 5.46
N PHE A 98 -16.57 -1.49 4.66
CA PHE A 98 -16.10 -0.35 3.85
C PHE A 98 -17.16 0.26 2.93
N MET A 99 -17.88 -0.59 2.17
CA MET A 99 -18.90 -0.11 1.23
C MET A 99 -20.12 0.45 1.94
N GLU A 100 -20.24 0.20 3.26
CA GLU A 100 -21.34 0.74 4.04
C GLU A 100 -21.03 2.14 4.58
N LEU A 101 -19.76 2.58 4.49
CA LEU A 101 -19.41 3.96 4.86
C LEU A 101 -19.92 4.87 3.75
N CYS A 102 -20.06 6.17 4.02
CA CYS A 102 -20.50 7.10 3.00
C CYS A 102 -19.38 7.32 1.97
N GLN A 103 -19.75 7.76 0.76
CA GLN A 103 -18.77 8.00 -0.32
C GLN A 103 -17.67 8.98 0.12
N ASN A 104 -18.01 10.05 0.88
CA ASN A 104 -17.00 11.01 1.35
C ASN A 104 -15.93 10.26 2.13
N ASP A 105 -16.35 9.42 3.12
CA ASP A 105 -15.43 8.67 3.99
C ASP A 105 -14.62 7.60 3.24
N GLN A 106 -15.22 6.94 2.26
CA GLN A 106 -14.51 5.96 1.45
C GLN A 106 -13.32 6.66 0.73
N ILE A 107 -13.59 7.82 0.12
CA ILE A 107 -12.55 8.59 -0.57
C ILE A 107 -11.52 9.15 0.40
N VAL A 108 -11.95 9.68 1.57
CA VAL A 108 -11.01 10.15 2.59
C VAL A 108 -10.02 9.02 2.97
N LEU A 109 -10.57 7.83 3.29
CA LEU A 109 -9.74 6.70 3.71
C LEU A 109 -8.81 6.23 2.62
N LEU A 110 -9.28 6.18 1.37
CA LEU A 110 -8.44 5.71 0.26
C LEU A 110 -7.37 6.75 -0.08
N LYS A 111 -7.72 8.03 -0.07
CA LYS A 111 -6.72 9.09 -0.38
C LYS A 111 -5.60 9.10 0.63
N ALA A 112 -5.93 8.86 1.89
CA ALA A 112 -4.93 8.90 2.92
C ALA A 112 -4.17 7.57 3.08
N GLY A 113 -4.87 6.47 2.83
CA GLY A 113 -4.33 5.14 3.11
C GLY A 113 -3.86 4.29 1.96
N ALA A 114 -4.33 4.54 0.70
CA ALA A 114 -3.93 3.66 -0.43
C ALA A 114 -2.42 3.52 -0.57
N MET A 115 -1.69 4.64 -0.56
CA MET A 115 -0.22 4.60 -0.66
C MET A 115 0.40 3.85 0.55
N GLU A 116 -0.15 4.07 1.74
CA GLU A 116 0.39 3.38 2.93
C GLU A 116 0.27 1.86 2.75
N VAL A 117 -0.88 1.39 2.24
CA VAL A 117 -1.09 -0.06 2.00
C VAL A 117 -0.10 -0.57 0.93
N VAL A 118 0.10 0.19 -0.14
CA VAL A 118 1.07 -0.22 -1.16
C VAL A 118 2.49 -0.32 -0.56
N LEU A 119 2.87 0.64 0.30
CA LEU A 119 4.19 0.61 0.95
C LEU A 119 4.37 -0.67 1.79
N VAL A 120 3.32 -1.10 2.50
CA VAL A 120 3.34 -2.32 3.27
C VAL A 120 3.39 -3.54 2.33
N ARG A 121 2.52 -3.60 1.32
CA ARG A 121 2.52 -4.72 0.36
C ARG A 121 3.87 -4.90 -0.30
N MET A 122 4.61 -3.79 -0.49
CA MET A 122 5.94 -3.81 -1.12
C MET A 122 6.92 -4.79 -0.46
N CYS A 123 6.86 -4.95 0.88
CA CYS A 123 7.80 -5.84 1.56
C CYS A 123 7.79 -7.28 1.02
N ARG A 124 6.66 -7.70 0.42
CA ARG A 124 6.56 -9.06 -0.17
C ARG A 124 7.46 -9.13 -1.40
N ALA A 125 7.60 -7.99 -2.14
CA ALA A 125 8.33 -7.91 -3.41
C ALA A 125 9.77 -7.54 -3.21
N TYR A 126 10.16 -7.39 -1.95
CA TYR A 126 11.48 -6.99 -1.55
C TYR A 126 12.22 -8.20 -0.99
N ASN A 127 13.41 -8.47 -1.55
CA ASN A 127 14.26 -9.57 -1.10
C ASN A 127 15.32 -9.02 -0.17
N ALA A 128 15.11 -9.22 1.15
CA ALA A 128 16.03 -8.75 2.21
C ALA A 128 17.43 -9.36 2.11
N ASP A 129 17.56 -10.56 1.52
CA ASP A 129 18.82 -11.28 1.34
C ASP A 129 19.87 -10.48 0.56
N ASN A 130 19.45 -9.79 -0.54
CA ASN A 130 20.37 -9.01 -1.39
C ASN A 130 19.93 -7.56 -1.61
N ARG A 131 18.88 -7.12 -0.89
CA ARG A 131 18.34 -5.74 -0.91
C ARG A 131 17.89 -5.35 -2.31
N THR A 132 17.07 -6.20 -2.93
CA THR A 132 16.53 -5.96 -4.27
C THR A 132 15.04 -6.01 -4.21
N VAL A 133 14.39 -5.41 -5.20
CA VAL A 133 12.93 -5.38 -5.30
C VAL A 133 12.51 -5.84 -6.68
N PHE A 134 11.36 -6.50 -6.76
CA PHE A 134 10.80 -6.96 -8.03
C PHE A 134 10.25 -5.76 -8.77
N PHE A 135 10.71 -5.53 -9.99
CA PHE A 135 10.29 -4.35 -10.74
C PHE A 135 10.41 -4.71 -12.21
N GLU A 136 9.30 -4.56 -12.97
CA GLU A 136 9.27 -4.85 -14.43
C GLU A 136 9.91 -6.21 -14.78
N GLY A 137 9.50 -7.25 -14.03
CA GLY A 137 9.87 -8.65 -14.30
C GLY A 137 11.15 -9.23 -13.71
N LYS A 138 12.01 -8.40 -13.08
CA LYS A 138 13.23 -8.94 -12.49
C LYS A 138 13.50 -8.22 -11.17
N TYR A 139 14.44 -8.74 -10.36
CA TYR A 139 14.83 -8.08 -9.13
C TYR A 139 15.97 -7.10 -9.40
N GLY A 140 15.89 -5.90 -8.79
CA GLY A 140 16.96 -4.91 -8.88
C GLY A 140 17.14 -4.13 -7.59
N GLY A 141 18.36 -3.66 -7.35
CA GLY A 141 18.68 -2.86 -6.16
C GLY A 141 18.18 -1.43 -6.31
N MET A 142 18.34 -0.60 -5.26
CA MET A 142 17.85 0.77 -5.31
C MET A 142 18.51 1.62 -6.38
N GLU A 143 19.72 1.20 -6.82
CA GLU A 143 20.44 1.87 -7.89
C GLU A 143 19.69 1.90 -9.20
N LEU A 144 18.72 0.97 -9.39
CA LEU A 144 17.90 0.94 -10.60
C LEU A 144 17.08 2.25 -10.76
N PHE A 145 16.79 2.92 -9.62
CA PHE A 145 15.91 4.09 -9.58
C PHE A 145 16.65 5.43 -9.59
N ARG A 146 17.95 5.40 -9.79
CA ARG A 146 18.76 6.61 -9.73
C ARG A 146 18.33 7.77 -10.65
N ALA A 147 17.70 7.47 -11.80
CA ALA A 147 17.28 8.55 -12.71
C ALA A 147 16.12 9.41 -12.14
N LEU A 148 15.38 8.89 -11.10
CA LEU A 148 14.26 9.64 -10.52
C LEU A 148 14.75 10.90 -9.80
N GLY A 149 15.96 10.87 -9.30
CA GLY A 149 16.47 12.02 -8.56
C GLY A 149 15.73 12.21 -7.25
N CYS A 150 15.36 11.07 -6.58
CA CYS A 150 14.79 11.16 -5.24
C CYS A 150 15.43 10.04 -4.40
N SER A 151 16.80 10.02 -4.39
CA SER A 151 17.62 9.01 -3.69
C SER A 151 17.23 8.80 -2.27
N GLU A 152 16.98 9.89 -1.53
CA GLU A 152 16.60 9.83 -0.11
C GLU A 152 15.32 9.08 0.09
N LEU A 153 14.30 9.41 -0.72
CA LEU A 153 13.02 8.73 -0.61
C LEU A 153 13.13 7.24 -0.98
N ILE A 154 13.84 6.92 -2.06
CA ILE A 154 13.98 5.52 -2.47
C ILE A 154 14.71 4.75 -1.38
N SER A 155 15.78 5.33 -0.85
CA SER A 155 16.55 4.69 0.22
C SER A 155 15.65 4.43 1.42
N SER A 156 14.81 5.41 1.79
CA SER A 156 13.89 5.29 2.93
C SER A 156 12.83 4.17 2.74
N ILE A 157 12.34 4.01 1.51
CA ILE A 157 11.34 2.99 1.18
C ILE A 157 12.00 1.60 1.23
N PHE A 158 13.25 1.49 0.74
CA PHE A 158 14.01 0.22 0.81
C PHE A 158 14.24 -0.16 2.27
N ASP A 159 14.65 0.82 3.12
CA ASP A 159 14.89 0.59 4.55
C ASP A 159 13.61 0.12 5.24
N PHE A 160 12.47 0.74 4.88
CA PHE A 160 11.14 0.39 5.42
C PHE A 160 10.78 -1.06 5.06
N SER A 161 10.96 -1.42 3.79
CA SER A 161 10.70 -2.79 3.34
C SER A 161 11.64 -3.76 4.05
N HIS A 162 12.90 -3.36 4.24
CA HIS A 162 13.88 -4.19 4.94
C HIS A 162 13.39 -4.47 6.36
N SER A 163 12.96 -3.42 7.10
CA SER A 163 12.44 -3.53 8.46
C SER A 163 11.21 -4.44 8.52
N LEU A 164 10.26 -4.27 7.59
CA LEU A 164 9.07 -5.13 7.57
C LEU A 164 9.45 -6.60 7.25
N SER A 165 10.43 -6.79 6.35
CA SER A 165 10.89 -8.12 5.96
C SER A 165 11.43 -8.92 7.14
N ALA A 166 12.04 -8.23 8.10
CA ALA A 166 12.64 -8.81 9.32
C ALA A 166 11.57 -9.39 10.24
N LEU A 167 10.29 -8.99 10.06
CA LEU A 167 9.16 -9.49 10.86
C LEU A 167 8.63 -10.85 10.36
N HIS A 168 9.03 -11.26 9.13
CA HIS A 168 8.59 -12.51 8.49
C HIS A 168 7.07 -12.64 8.47
N PHE A 169 6.39 -11.60 8.00
CA PHE A 169 4.93 -11.63 7.95
C PHE A 169 4.39 -12.79 7.16
N SER A 170 3.27 -13.35 7.61
CA SER A 170 2.57 -14.31 6.79
C SER A 170 1.63 -13.46 5.90
N GLU A 171 1.03 -14.06 4.87
CA GLU A 171 0.04 -13.40 4.02
C GLU A 171 -1.18 -12.96 4.85
N ASP A 172 -1.62 -13.82 5.81
CA ASP A 172 -2.74 -13.47 6.70
C ASP A 172 -2.42 -12.26 7.58
N GLU A 173 -1.20 -12.17 8.12
CA GLU A 173 -0.82 -11.01 8.95
C GLU A 173 -0.84 -9.74 8.09
N ILE A 174 -0.32 -9.82 6.86
CA ILE A 174 -0.33 -8.65 5.93
C ILE A 174 -1.77 -8.23 5.66
N ALA A 175 -2.68 -9.19 5.41
CA ALA A 175 -4.10 -8.92 5.18
C ALA A 175 -4.70 -8.13 6.34
N LEU A 176 -4.49 -8.61 7.56
CA LEU A 176 -5.11 -7.95 8.73
C LEU A 176 -4.43 -6.62 9.07
N TYR A 177 -3.10 -6.55 8.92
CA TYR A 177 -2.40 -5.30 9.19
C TYR A 177 -2.79 -4.20 8.17
N THR A 178 -2.86 -4.55 6.89
CA THR A 178 -3.23 -3.56 5.84
C THR A 178 -4.69 -3.15 5.94
N ALA A 179 -5.57 -4.04 6.45
CA ALA A 179 -6.97 -3.64 6.68
C ALA A 179 -7.01 -2.49 7.70
N LEU A 180 -6.20 -2.59 8.75
CA LEU A 180 -6.07 -1.55 9.79
C LEU A 180 -5.40 -0.27 9.29
N VAL A 181 -4.38 -0.39 8.46
CA VAL A 181 -3.72 0.78 7.85
C VAL A 181 -4.82 1.61 7.12
N LEU A 182 -5.72 0.93 6.39
CA LEU A 182 -6.79 1.61 5.67
C LEU A 182 -7.93 2.13 6.58
N ILE A 183 -8.40 1.31 7.55
CA ILE A 183 -9.54 1.71 8.40
C ILE A 183 -8.99 2.40 9.62
N ASN A 184 -8.75 3.69 9.44
CA ASN A 184 -8.12 4.55 10.46
C ASN A 184 -9.10 5.68 10.74
N ALA A 185 -9.70 5.66 11.94
CA ALA A 185 -10.70 6.66 12.32
C ALA A 185 -10.13 8.06 12.58
N HIS A 186 -8.80 8.19 12.58
CA HIS A 186 -8.20 9.49 12.83
C HIS A 186 -7.95 10.28 11.55
N ARG A 187 -8.24 9.70 10.36
CA ARG A 187 -7.98 10.45 9.14
C ARG A 187 -8.78 11.76 9.14
N PRO A 188 -8.12 12.89 8.88
CA PRO A 188 -8.86 14.17 8.79
C PRO A 188 -9.89 14.13 7.66
N GLY A 189 -11.09 14.55 7.96
CA GLY A 189 -12.13 14.70 6.94
C GLY A 189 -13.24 13.70 7.03
N LEU A 190 -13.14 12.74 7.95
CA LEU A 190 -14.16 11.69 8.08
C LEU A 190 -15.42 12.27 8.69
N GLN A 191 -16.54 12.08 8.00
CA GLN A 191 -17.83 12.59 8.47
C GLN A 191 -18.44 11.65 9.53
N GLU A 192 -18.45 10.32 9.23
CA GLU A 192 -18.99 9.30 10.17
C GLU A 192 -17.87 8.66 11.00
N LYS A 193 -17.18 9.50 11.77
CA LYS A 193 -16.02 9.12 12.55
C LYS A 193 -16.32 7.98 13.54
N ARG A 194 -17.49 8.02 14.22
CA ARG A 194 -17.87 6.99 15.20
C ARG A 194 -18.02 5.63 14.54
N LYS A 195 -18.64 5.59 13.34
CA LYS A 195 -18.78 4.34 12.56
C LYS A 195 -17.39 3.78 12.22
N VAL A 196 -16.48 4.66 11.76
CA VAL A 196 -15.12 4.22 11.42
C VAL A 196 -14.39 3.72 12.69
N GLU A 197 -14.56 4.40 13.84
CA GLU A 197 -13.91 3.96 15.10
C GLU A 197 -14.34 2.53 15.47
N GLN A 198 -15.62 2.21 15.28
CA GLN A 198 -16.09 0.88 15.65
C GLN A 198 -15.58 -0.16 14.69
N LEU A 199 -15.57 0.15 13.39
CA LEU A 199 -15.01 -0.81 12.41
C LEU A 199 -13.51 -1.05 12.68
N GLN A 200 -12.77 0.03 13.00
CA GLN A 200 -11.37 -0.06 13.32
C GLN A 200 -11.19 -0.96 14.56
N TYR A 201 -11.98 -0.71 15.62
CA TYR A 201 -11.93 -1.51 16.88
C TYR A 201 -12.08 -3.01 16.53
N ASN A 202 -13.08 -3.35 15.72
CA ASN A 202 -13.31 -4.77 15.36
C ASN A 202 -12.18 -5.33 14.49
N LEU A 203 -11.63 -4.54 13.57
CA LEU A 203 -10.49 -5.03 12.78
C LEU A 203 -9.23 -5.18 13.65
N GLU A 204 -9.08 -4.30 14.65
CA GLU A 204 -7.95 -4.40 15.62
C GLU A 204 -8.07 -5.70 16.39
N LEU A 205 -9.27 -6.02 16.86
CA LEU A 205 -9.56 -7.27 17.57
C LEU A 205 -9.28 -8.45 16.67
N ALA A 206 -9.67 -8.37 15.37
CA ALA A 206 -9.47 -9.46 14.42
C ALA A 206 -7.97 -9.74 14.26
N PHE A 207 -7.17 -8.68 14.10
CA PHE A 207 -5.72 -8.77 13.95
C PHE A 207 -5.06 -9.34 15.22
N HIS A 208 -5.41 -8.78 16.37
CA HIS A 208 -4.81 -9.24 17.64
C HIS A 208 -5.27 -10.67 18.00
N HIS A 209 -6.51 -11.02 17.67
CA HIS A 209 -7.01 -12.39 17.85
C HIS A 209 -6.21 -13.37 17.00
N HIS A 210 -5.97 -13.04 15.72
CA HIS A 210 -5.18 -13.93 14.87
C HIS A 210 -3.74 -14.10 15.42
N LEU A 211 -3.12 -13.01 15.88
CA LEU A 211 -1.76 -13.07 16.42
C LEU A 211 -1.73 -13.93 17.69
N CYS A 212 -2.73 -13.79 18.53
CA CYS A 212 -2.84 -14.53 19.79
C CYS A 212 -2.92 -16.00 19.48
N LYS A 213 -3.83 -16.36 18.54
CA LYS A 213 -4.07 -17.74 18.11
C LYS A 213 -2.84 -18.39 17.46
N THR A 214 -2.01 -17.60 16.77
CA THR A 214 -0.83 -18.12 16.08
C THR A 214 0.47 -17.88 16.86
N HIS A 215 0.40 -17.44 18.13
CA HIS A 215 1.58 -17.17 18.98
C HIS A 215 2.55 -16.17 18.34
N ARG A 216 1.97 -15.13 17.71
CA ARG A 216 2.72 -14.07 17.03
C ARG A 216 2.50 -12.67 17.64
N GLN A 217 1.99 -12.58 18.90
CA GLN A 217 1.77 -11.29 19.56
C GLN A 217 3.09 -10.51 19.77
N SER A 218 4.23 -11.21 19.74
CA SER A 218 5.54 -10.57 19.87
C SER A 218 5.83 -9.54 18.76
N ILE A 219 5.12 -9.63 17.60
CA ILE A 219 5.34 -8.69 16.49
C ILE A 219 4.76 -7.30 16.78
N LEU A 220 3.73 -7.21 17.65
CA LEU A 220 3.07 -5.94 17.94
C LEU A 220 4.02 -4.81 18.32
N ALA A 221 4.99 -5.09 19.20
CA ALA A 221 5.97 -4.09 19.63
C ALA A 221 6.99 -3.79 18.55
N LYS A 222 7.04 -4.62 17.49
CA LYS A 222 8.03 -4.50 16.41
C LYS A 222 7.47 -3.82 15.16
N LEU A 223 6.17 -3.52 15.16
CA LEU A 223 5.55 -2.90 13.98
C LEU A 223 6.01 -1.45 13.80
N PRO A 224 6.02 -0.91 12.57
CA PRO A 224 6.50 0.48 12.41
C PRO A 224 5.77 1.49 13.26
N PRO A 225 6.53 2.46 13.81
CA PRO A 225 5.92 3.44 14.70
C PRO A 225 4.86 4.29 14.04
N LYS A 226 4.09 4.97 14.89
CA LYS A 226 3.07 5.94 14.49
C LYS A 226 3.82 7.06 13.80
N GLY A 227 3.42 7.40 12.57
CA GLY A 227 4.08 8.48 11.85
C GLY A 227 5.07 8.05 10.78
N LYS A 228 5.53 6.79 10.82
CA LYS A 228 6.49 6.33 9.83
C LYS A 228 5.89 6.27 8.41
N LEU A 229 4.72 5.67 8.29
CA LEU A 229 4.05 5.57 6.98
C LEU A 229 3.66 6.97 6.52
N ARG A 230 3.23 7.83 7.44
CA ARG A 230 2.84 9.20 7.09
C ARG A 230 4.05 9.96 6.55
N SER A 231 5.25 9.77 7.15
CA SER A 231 6.47 10.44 6.71
C SER A 231 6.82 10.01 5.28
N LEU A 232 6.71 8.72 4.98
CA LEU A 232 7.04 8.24 3.63
C LEU A 232 6.04 8.80 2.60
N CYS A 233 4.75 8.86 2.97
CA CYS A 233 3.74 9.40 2.07
C CYS A 233 3.91 10.87 1.82
N SER A 234 4.28 11.64 2.85
CA SER A 234 4.53 13.08 2.71
C SER A 234 5.75 13.34 1.83
N GLN A 235 6.81 12.52 2.01
CA GLN A 235 8.03 12.66 1.20
C GLN A 235 7.71 12.39 -0.26
N HIS A 236 6.84 11.39 -0.55
CA HIS A 236 6.45 11.09 -1.93
C HIS A 236 5.77 12.31 -2.56
N VAL A 237 4.81 12.89 -1.85
CA VAL A 237 4.09 14.07 -2.37
C VAL A 237 5.09 15.21 -2.60
N GLU A 238 6.04 15.43 -1.67
CA GLU A 238 7.05 16.49 -1.80
C GLU A 238 7.94 16.31 -3.04
N ARG A 239 8.40 15.07 -3.27
CA ARG A 239 9.24 14.78 -4.43
C ARG A 239 8.45 14.93 -5.73
N LEU A 240 7.15 14.56 -5.71
CA LEU A 240 6.30 14.71 -6.88
C LEU A 240 6.12 16.21 -7.21
N GLN A 241 5.98 17.04 -6.18
CA GLN A 241 5.84 18.48 -6.40
C GLN A 241 7.09 19.08 -7.05
N ILE A 242 8.28 18.60 -6.63
CA ILE A 242 9.55 19.02 -7.23
C ILE A 242 9.56 18.59 -8.70
N PHE A 243 9.22 17.32 -8.97
CA PHE A 243 9.18 16.84 -10.34
C PHE A 243 8.22 17.62 -11.20
N GLN A 244 7.01 17.90 -10.65
CA GLN A 244 5.95 18.62 -11.36
C GLN A 244 6.42 20.00 -11.76
N HIS A 245 7.21 20.68 -10.94
CA HIS A 245 7.73 22.03 -11.23
C HIS A 245 8.69 21.99 -12.43
N LEU A 246 9.50 20.90 -12.50
CA LEU A 246 10.47 20.66 -13.56
C LEU A 246 9.82 20.25 -14.88
N HIS A 247 8.81 19.33 -14.83
CA HIS A 247 8.20 18.76 -16.00
C HIS A 247 6.67 18.84 -15.88
N PRO A 248 6.08 20.07 -15.83
CA PRO A 248 4.63 20.18 -15.61
C PRO A 248 3.75 19.50 -16.65
N ILE A 249 4.18 19.52 -17.93
CA ILE A 249 3.38 18.92 -19.01
C ILE A 249 3.48 17.40 -18.98
N VAL A 250 4.59 16.85 -18.47
CA VAL A 250 4.72 15.39 -18.31
C VAL A 250 3.64 14.97 -17.33
N VAL A 251 3.51 15.70 -16.20
CA VAL A 251 2.48 15.34 -15.20
C VAL A 251 1.08 15.51 -15.80
N GLN A 252 0.81 16.66 -16.41
CA GLN A 252 -0.50 16.93 -17.01
C GLN A 252 -0.91 15.98 -18.14
N ALA A 253 0.04 15.66 -19.04
CA ALA A 253 -0.26 14.84 -20.21
C ALA A 253 -0.06 13.35 -20.05
N ALA A 254 0.92 12.92 -19.24
CA ALA A 254 1.33 11.53 -19.20
C ALA A 254 1.26 10.79 -17.88
N PHE A 255 0.84 11.45 -16.80
CA PHE A 255 0.69 10.72 -15.53
C PHE A 255 -0.71 10.17 -15.46
N PRO A 256 -0.90 9.00 -14.82
CA PRO A 256 -2.24 8.42 -14.74
C PRO A 256 -3.21 9.32 -13.97
N PRO A 257 -4.45 9.47 -14.48
CA PRO A 257 -5.46 10.30 -13.77
C PRO A 257 -5.65 9.91 -12.30
N LEU A 258 -5.67 8.60 -11.98
CA LEU A 258 -5.86 8.19 -10.57
C LEU A 258 -4.71 8.65 -9.67
N TYR A 259 -3.48 8.56 -10.19
CA TYR A 259 -2.30 9.00 -9.45
C TYR A 259 -2.46 10.52 -9.15
N LYS A 260 -2.87 11.30 -10.15
CA LYS A 260 -3.05 12.73 -9.95
C LYS A 260 -4.14 13.07 -8.93
N GLU A 261 -5.26 12.31 -8.94
CA GLU A 261 -6.35 12.48 -7.97
C GLU A 261 -5.85 12.23 -6.56
N LEU A 262 -4.99 11.24 -6.39
CA LEU A 262 -4.50 10.94 -5.05
C LEU A 262 -3.41 11.84 -4.51
N PHE A 263 -2.45 12.23 -5.38
CA PHE A 263 -1.22 12.89 -4.96
C PHE A 263 -1.01 14.33 -5.39
N SER A 264 -1.80 14.81 -6.35
CA SER A 264 -1.65 16.20 -6.79
C SER A 264 -2.99 16.90 -6.90
N GLY A 265 -3.95 16.46 -6.08
CA GLY A 265 -5.30 17.00 -6.00
C GLY A 265 -6.05 17.15 -7.32
N GLY A 266 -5.91 16.16 -8.19
CA GLY A 266 -6.59 16.13 -9.49
C GLY A 266 -5.72 16.54 -10.65
N LYS B 1 -12.66 12.26 -9.99
CA LYS B 1 -13.47 11.58 -10.99
C LYS B 1 -13.27 10.07 -10.98
N ILE B 2 -12.00 9.59 -10.96
CA ILE B 2 -11.63 8.16 -11.05
C ILE B 2 -12.05 7.36 -9.84
N LEU B 3 -11.70 7.82 -8.63
CA LEU B 3 -12.04 7.11 -7.41
C LEU B 3 -13.55 6.88 -7.33
N HIS B 4 -14.37 7.90 -7.61
CA HIS B 4 -15.83 7.82 -7.57
C HIS B 4 -16.26 6.68 -8.54
N ARG B 5 -15.70 6.65 -9.75
CA ARG B 5 -16.01 5.63 -10.77
C ARG B 5 -15.65 4.23 -10.30
N LEU B 6 -14.45 4.06 -9.74
CA LEU B 6 -13.99 2.75 -9.26
C LEU B 6 -14.90 2.25 -8.13
N LEU B 7 -15.30 3.15 -7.22
CA LEU B 7 -16.15 2.78 -6.07
C LEU B 7 -17.57 2.43 -6.49
N GLN B 8 -18.05 3.06 -7.56
CA GLN B 8 -19.41 2.90 -8.11
C GLN B 8 -19.49 1.72 -9.08
N ASP B 9 -18.34 1.22 -9.60
CA ASP B 9 -18.31 0.14 -10.57
C ASP B 9 -18.43 -1.25 -9.95
N SER B 10 -19.67 -1.75 -9.88
CA SER B 10 -19.98 -3.09 -9.36
C SER B 10 -20.43 -4.03 -10.48
C1 4TU C . 7.10 0.82 -8.63
C2 4TU C . 7.50 2.15 -8.56
C3 4TU C . 9.36 1.56 -7.16
C4 4TU C . 8.97 0.24 -7.24
C5 4TU C . 7.86 -0.13 -7.97
C6 4TU C . 8.63 2.50 -7.83
C7 4TU C . 6.85 -2.32 -8.66
C8 4TU C . 9.63 -0.90 -6.58
C9 4TU C . 8.69 -2.05 -6.96
N10 4TU C . 7.67 -1.52 -7.86
N11 4TU C . 7.01 -3.68 -8.47
O12 4TU C . 6.01 -1.91 -9.46
CL1 4TU C . 9.17 4.13 -7.71
NA NA D . 10.57 -9.14 1.88
#